data_2MOC
#
_entry.id   2MOC
#
_entity_poly.entity_id   1
_entity_poly.type   'polypeptide(L)'
_entity_poly.pdbx_seq_one_letter_code
;TGKASQFFGLM
;
_entity_poly.pdbx_strand_id   A
#
# COMPACT_ATOMS: atom_id res chain seq x y z
N THR A 1 -7.80 -4.99 3.63
CA THR A 1 -6.76 -4.59 2.69
C THR A 1 -6.07 -3.31 3.15
N GLY A 2 -6.01 -3.11 4.47
CA GLY A 2 -5.37 -1.92 5.01
C GLY A 2 -3.86 -2.00 4.98
N LYS A 3 -3.33 -3.21 5.12
CA LYS A 3 -1.89 -3.43 5.11
C LYS A 3 -1.32 -3.20 3.72
N ALA A 4 -2.18 -3.29 2.71
CA ALA A 4 -1.75 -3.08 1.33
C ALA A 4 -1.81 -1.61 0.94
N SER A 5 -1.72 -0.74 1.94
CA SER A 5 -1.76 0.70 1.71
C SER A 5 -0.37 1.23 1.37
N GLN A 6 0.65 0.73 2.05
CA GLN A 6 2.02 1.16 1.83
C GLN A 6 2.48 0.76 0.43
N PHE A 7 1.88 -0.29 -0.12
CA PHE A 7 2.23 -0.77 -1.45
C PHE A 7 1.88 0.27 -2.51
N PHE A 8 0.83 1.03 -2.27
CA PHE A 8 0.38 2.06 -3.21
C PHE A 8 1.39 3.19 -3.27
N GLY A 9 2.12 3.40 -2.17
CA GLY A 9 3.11 4.47 -2.13
C GLY A 9 4.37 4.12 -2.90
N LEU A 10 4.62 2.82 -3.07
CA LEU A 10 5.79 2.35 -3.79
C LEU A 10 5.68 2.68 -5.28
N MET A 11 4.46 2.58 -5.80
CA MET A 11 4.22 2.87 -7.22
C MET A 11 4.32 4.37 -7.50
N THR A 1 -7.52 -5.13 3.46
CA THR A 1 -7.09 -4.15 2.49
C THR A 1 -6.51 -2.92 3.18
N GLY A 2 -5.92 -3.12 4.35
CA GLY A 2 -5.34 -2.03 5.09
C GLY A 2 -3.81 -2.07 5.09
N LYS A 3 -3.26 -3.28 5.17
CA LYS A 3 -1.82 -3.45 5.17
C LYS A 3 -1.23 -3.23 3.77
N ALA A 4 -2.08 -3.35 2.76
CA ALA A 4 -1.66 -3.15 1.38
C ALA A 4 -1.74 -1.69 0.97
N SER A 5 -1.68 -0.80 1.96
CA SER A 5 -1.76 0.63 1.71
C SER A 5 -0.39 1.20 1.36
N GLN A 6 0.64 0.72 2.06
CA GLN A 6 2.01 1.18 1.84
C GLN A 6 2.49 0.79 0.44
N PHE A 7 1.91 -0.28 -0.09
CA PHE A 7 2.28 -0.77 -1.42
C PHE A 7 1.91 0.25 -2.50
N PHE A 8 0.83 0.98 -2.26
CA PHE A 8 0.36 1.99 -3.21
C PHE A 8 1.35 3.15 -3.29
N GLY A 9 2.06 3.39 -2.18
CA GLY A 9 3.03 4.48 -2.15
C GLY A 9 4.30 4.15 -2.92
N LEU A 10 4.58 2.86 -3.07
CA LEU A 10 5.77 2.42 -3.79
C LEU A 10 5.65 2.72 -5.27
N MET A 11 4.45 2.58 -5.81
CA MET A 11 4.21 2.85 -7.22
C MET A 11 4.36 4.33 -7.53
N THR A 1 -7.18 -4.02 1.97
CA THR A 1 -6.63 -2.67 1.78
C THR A 1 -6.15 -2.08 3.09
N GLY A 2 -5.73 -2.94 4.01
CA GLY A 2 -5.26 -2.48 5.30
C GLY A 2 -3.74 -2.37 5.35
N LYS A 3 -3.07 -3.52 5.32
CA LYS A 3 -1.61 -3.55 5.37
C LYS A 3 -1.03 -3.34 3.98
N ALA A 4 -1.83 -3.58 2.95
CA ALA A 4 -1.39 -3.40 1.57
C ALA A 4 -1.61 -1.98 1.10
N SER A 5 -1.65 -1.04 2.05
CA SER A 5 -1.86 0.37 1.72
C SER A 5 -0.54 1.05 1.38
N GLN A 6 0.50 0.71 2.13
CA GLN A 6 1.82 1.29 1.91
C GLN A 6 2.38 0.86 0.56
N PHE A 7 1.94 -0.29 0.07
CA PHE A 7 2.39 -0.80 -1.21
C PHE A 7 1.96 0.12 -2.35
N PHE A 8 0.80 0.75 -2.19
CA PHE A 8 0.28 1.65 -3.21
C PHE A 8 1.15 2.90 -3.33
N GLY A 9 1.79 3.27 -2.22
CA GLY A 9 2.65 4.45 -2.23
C GLY A 9 3.96 4.21 -2.94
N LEU A 10 4.37 2.95 -3.01
CA LEU A 10 5.63 2.59 -3.66
C LEU A 10 5.53 2.79 -5.17
N MET A 11 4.36 2.51 -5.72
CA MET A 11 4.13 2.67 -7.16
C MET A 11 3.94 4.14 -7.51
N THR A 1 -6.54 -5.47 3.38
CA THR A 1 -7.11 -4.27 2.76
C THR A 1 -6.46 -3.01 3.31
N GLY A 2 -6.05 -3.07 4.58
CA GLY A 2 -5.43 -1.91 5.20
C GLY A 2 -3.92 -2.01 5.22
N LYS A 3 -3.40 -3.23 5.07
CA LYS A 3 -1.96 -3.46 5.05
C LYS A 3 -1.39 -3.22 3.66
N ALA A 4 -2.25 -3.28 2.65
CA ALA A 4 -1.82 -3.07 1.26
C ALA A 4 -1.86 -1.59 0.91
N SER A 5 -1.75 -0.73 1.91
CA SER A 5 -1.79 0.71 1.69
C SER A 5 -0.40 1.24 1.36
N GLN A 6 0.61 0.71 2.04
CA GLN A 6 1.99 1.13 1.82
C GLN A 6 2.45 0.75 0.42
N PHE A 7 1.84 -0.30 -0.13
CA PHE A 7 2.21 -0.78 -1.47
C PHE A 7 1.87 0.27 -2.53
N PHE A 8 0.81 1.03 -2.28
CA PHE A 8 0.37 2.07 -3.21
C PHE A 8 1.40 3.20 -3.27
N GLY A 9 2.12 3.40 -2.17
CA GLY A 9 3.11 4.46 -2.12
C GLY A 9 4.37 4.10 -2.89
N LEU A 10 4.61 2.80 -3.06
CA LEU A 10 5.78 2.33 -3.79
C LEU A 10 5.67 2.66 -5.27
N MET A 11 4.46 2.58 -5.80
CA MET A 11 4.22 2.88 -7.21
C MET A 11 4.47 4.35 -7.51
N THR A 1 -7.39 -4.87 2.97
CA THR A 1 -6.85 -3.77 2.19
C THR A 1 -6.29 -2.69 3.09
N GLY A 2 -5.88 -3.07 4.30
CA GLY A 2 -5.33 -2.11 5.23
C GLY A 2 -3.82 -2.13 5.25
N LYS A 3 -3.24 -3.32 5.20
CA LYS A 3 -1.79 -3.47 5.21
C LYS A 3 -1.21 -3.25 3.82
N ALA A 4 -2.05 -3.39 2.80
CA ALA A 4 -1.61 -3.21 1.42
C ALA A 4 -1.73 -1.75 1.00
N SER A 5 -1.68 -0.84 1.97
CA SER A 5 -1.79 0.58 1.71
C SER A 5 -0.43 1.17 1.37
N GLN A 6 0.60 0.72 2.09
CA GLN A 6 1.96 1.21 1.86
C GLN A 6 2.46 0.80 0.48
N PHE A 7 1.90 -0.28 -0.05
CA PHE A 7 2.30 -0.79 -1.36
C PHE A 7 1.92 0.21 -2.45
N PHE A 8 0.82 0.92 -2.25
CA PHE A 8 0.35 1.91 -3.21
C PHE A 8 1.31 3.09 -3.30
N GLY A 9 2.01 3.35 -2.19
CA GLY A 9 2.95 4.46 -2.16
C GLY A 9 4.23 4.15 -2.92
N LEU A 10 4.53 2.87 -3.05
CA LEU A 10 5.74 2.43 -3.75
C LEU A 10 5.64 2.72 -5.24
N MET A 11 4.43 2.55 -5.79
CA MET A 11 4.19 2.78 -7.20
C MET A 11 4.05 4.27 -7.49
N THR A 1 -6.34 -4.91 2.36
CA THR A 1 -6.99 -3.61 2.16
C THR A 1 -6.39 -2.56 3.08
N GLY A 2 -5.92 -2.98 4.25
CA GLY A 2 -5.32 -2.06 5.19
C GLY A 2 -3.81 -2.09 5.17
N LYS A 3 -3.25 -3.30 5.26
CA LYS A 3 -1.80 -3.47 5.26
C LYS A 3 -1.23 -3.25 3.86
N ALA A 4 -2.09 -3.38 2.85
CA ALA A 4 -1.68 -3.18 1.47
C ALA A 4 -1.78 -1.72 1.06
N SER A 5 -1.70 -0.83 2.04
CA SER A 5 -1.78 0.60 1.79
C SER A 5 -0.43 1.18 1.43
N GLN A 6 0.60 0.70 2.13
CA GLN A 6 1.98 1.17 1.89
C GLN A 6 2.44 0.76 0.50
N PHE A 7 1.87 -0.31 -0.02
CA PHE A 7 2.24 -0.82 -1.35
C PHE A 7 1.86 0.19 -2.43
N PHE A 8 0.77 0.92 -2.20
CA PHE A 8 0.31 1.92 -3.16
C PHE A 8 1.29 3.09 -3.25
N GLY A 9 2.00 3.34 -2.16
CA GLY A 9 2.96 4.43 -2.14
C GLY A 9 4.22 4.10 -2.91
N LEU A 10 4.51 2.81 -3.04
CA LEU A 10 5.70 2.36 -3.76
C LEU A 10 5.58 2.65 -5.25
N MET A 11 4.36 2.51 -5.78
CA MET A 11 4.11 2.76 -7.19
C MET A 11 3.90 4.24 -7.46
N THR A 1 -7.17 -4.02 1.95
CA THR A 1 -6.70 -2.66 1.77
C THR A 1 -6.22 -2.06 3.10
N GLY A 2 -5.73 -2.93 3.98
CA GLY A 2 -5.25 -2.47 5.28
C GLY A 2 -3.74 -2.37 5.32
N LYS A 3 -3.06 -3.50 5.34
CA LYS A 3 -1.61 -3.54 5.39
C LYS A 3 -1.02 -3.33 4.00
N ALA A 4 -1.82 -3.58 2.97
CA ALA A 4 -1.37 -3.42 1.59
C ALA A 4 -1.59 -1.99 1.11
N SER A 5 -1.64 -1.04 2.05
CA SER A 5 -1.85 0.36 1.72
C SER A 5 -0.54 1.04 1.38
N GLN A 6 0.51 0.70 2.13
CA GLN A 6 1.83 1.28 1.92
C GLN A 6 2.39 0.86 0.56
N PHE A 7 1.94 -0.29 0.07
CA PHE A 7 2.40 -0.80 -1.21
C PHE A 7 1.97 0.11 -2.35
N PHE A 8 0.82 0.75 -2.19
CA PHE A 8 0.28 1.65 -3.21
C PHE A 8 1.15 2.90 -3.33
N GLY A 9 1.79 3.27 -2.22
CA GLY A 9 2.65 4.45 -2.23
C GLY A 9 3.96 4.21 -2.94
N LEU A 10 4.37 2.95 -3.01
CA LEU A 10 5.63 2.58 -3.66
C LEU A 10 5.53 2.79 -5.17
N MET A 11 4.36 2.51 -5.72
CA MET A 11 4.14 2.68 -7.16
C MET A 11 3.86 4.14 -7.51
N THR A 1 -7.00 -5.35 6.34
CA THR A 1 -7.58 -5.19 5.00
C THR A 1 -6.92 -4.06 4.23
N GLY A 2 -6.37 -3.09 4.97
CA GLY A 2 -5.71 -1.97 4.34
C GLY A 2 -4.20 -2.05 4.43
N LYS A 3 -3.68 -3.28 4.47
CA LYS A 3 -2.24 -3.49 4.56
C LYS A 3 -1.57 -3.24 3.22
N ALA A 4 -2.36 -3.28 2.15
CA ALA A 4 -1.84 -3.05 0.80
C ALA A 4 -1.87 -1.57 0.46
N SER A 5 -1.83 -0.72 1.48
CA SER A 5 -1.86 0.72 1.28
C SER A 5 -0.45 1.26 1.05
N GLN A 6 0.51 0.73 1.80
CA GLN A 6 1.90 1.16 1.67
C GLN A 6 2.46 0.79 0.31
N PHE A 7 1.89 -0.24 -0.31
CA PHE A 7 2.34 -0.69 -1.62
C PHE A 7 2.07 0.37 -2.68
N PHE A 8 0.99 1.12 -2.50
CA PHE A 8 0.62 2.17 -3.44
C PHE A 8 1.64 3.31 -3.41
N GLY A 9 2.28 3.50 -2.26
CA GLY A 9 3.27 4.55 -2.12
C GLY A 9 4.58 4.21 -2.81
N LEU A 10 4.84 2.92 -2.99
CA LEU A 10 6.06 2.47 -3.64
C LEU A 10 6.05 2.82 -5.12
N MET A 11 4.88 2.74 -5.74
CA MET A 11 4.74 3.05 -7.16
C MET A 11 4.66 4.56 -7.38
N THR A 1 -7.52 -3.83 2.05
CA THR A 1 -6.42 -2.94 1.72
C THR A 1 -5.90 -2.23 2.97
N GLY A 2 -5.75 -2.99 4.05
CA GLY A 2 -5.25 -2.43 5.29
C GLY A 2 -3.73 -2.33 5.33
N LYS A 3 -3.08 -3.49 5.33
CA LYS A 3 -1.62 -3.54 5.37
C LYS A 3 -1.04 -3.32 3.97
N ALA A 4 -1.85 -3.55 2.96
CA ALA A 4 -1.42 -3.37 1.57
C ALA A 4 -1.63 -1.94 1.11
N SER A 5 -1.66 -1.02 2.06
CA SER A 5 -1.86 0.40 1.75
C SER A 5 -0.54 1.07 1.40
N GLN A 6 0.52 0.71 2.14
CA GLN A 6 1.84 1.28 1.92
C GLN A 6 2.39 0.86 0.56
N PHE A 7 1.92 -0.28 0.07
CA PHE A 7 2.37 -0.81 -1.23
C PHE A 7 1.94 0.12 -2.36
N PHE A 8 0.80 0.76 -2.19
CA PHE A 8 0.28 1.68 -3.20
C PHE A 8 1.15 2.91 -3.32
N GLY A 9 1.80 3.27 -2.22
CA GLY A 9 2.67 4.45 -2.22
C GLY A 9 3.98 4.19 -2.94
N LEU A 10 4.38 2.93 -3.01
CA LEU A 10 5.62 2.56 -3.68
C LEU A 10 5.52 2.77 -5.19
N MET A 11 4.34 2.50 -5.74
CA MET A 11 4.11 2.67 -7.17
C MET A 11 3.97 4.15 -7.53
N THR A 1 -8.08 -4.89 6.26
CA THR A 1 -7.50 -5.32 4.99
C THR A 1 -6.86 -4.16 4.25
N GLY A 2 -6.29 -3.23 4.99
CA GLY A 2 -5.65 -2.07 4.38
C GLY A 2 -4.14 -2.11 4.49
N LYS A 3 -3.58 -3.32 4.50
CA LYS A 3 -2.14 -3.49 4.60
C LYS A 3 -1.46 -3.24 3.26
N ALA A 4 -2.24 -3.33 2.18
CA ALA A 4 -1.71 -3.11 0.84
C ALA A 4 -1.78 -1.62 0.47
N SER A 5 -1.79 -0.77 1.48
CA SER A 5 -1.85 0.67 1.26
C SER A 5 -0.46 1.25 1.03
N GLN A 6 0.52 0.76 1.79
CA GLN A 6 1.88 1.23 1.67
C GLN A 6 2.47 0.86 0.32
N PHE A 7 1.94 -0.21 -0.28
CA PHE A 7 2.42 -0.67 -1.58
C PHE A 7 2.13 0.36 -2.66
N PHE A 8 1.03 1.09 -2.50
CA PHE A 8 0.64 2.10 -3.47
C PHE A 8 1.62 3.28 -3.45
N GLY A 9 2.24 3.50 -2.31
CA GLY A 9 3.19 4.59 -2.18
C GLY A 9 4.52 4.27 -2.85
N LEU A 10 4.82 2.98 -3.00
CA LEU A 10 6.06 2.56 -3.63
C LEU A 10 6.06 2.88 -5.13
N MET A 11 4.89 2.75 -5.75
CA MET A 11 4.75 3.04 -7.17
C MET A 11 4.81 4.54 -7.43
N THR A 1 -6.42 -4.71 2.26
CA THR A 1 -6.58 -3.31 1.92
C THR A 1 -5.97 -2.41 2.98
N GLY A 2 -5.90 -2.91 4.21
CA GLY A 2 -5.35 -2.14 5.30
C GLY A 2 -3.82 -2.16 5.30
N LYS A 3 -3.26 -3.35 5.29
CA LYS A 3 -1.81 -3.50 5.29
C LYS A 3 -1.23 -3.29 3.90
N ALA A 4 -2.08 -3.42 2.89
CA ALA A 4 -1.66 -3.24 1.49
C ALA A 4 -1.78 -1.78 1.07
N SER A 5 -1.73 -0.88 2.05
CA SER A 5 -1.83 0.54 1.78
C SER A 5 -0.48 1.13 1.43
N GLN A 6 0.56 0.68 2.13
CA GLN A 6 1.92 1.17 1.90
C GLN A 6 2.41 0.75 0.51
N PHE A 7 1.85 -0.33 -0.01
CA PHE A 7 2.22 -0.82 -1.33
C PHE A 7 1.84 0.17 -2.42
N PHE A 8 0.74 0.88 -2.20
CA PHE A 8 0.26 1.87 -3.16
C PHE A 8 1.22 3.05 -3.25
N GLY A 9 1.93 3.32 -2.16
CA GLY A 9 2.88 4.42 -2.14
C GLY A 9 4.15 4.11 -2.90
N LEU A 10 4.46 2.82 -3.04
CA LEU A 10 5.65 2.39 -3.75
C LEU A 10 5.53 2.68 -5.24
N MET A 11 4.32 2.51 -5.77
CA MET A 11 4.07 2.74 -7.19
C MET A 11 4.12 4.24 -7.50
N THR A 1 -7.34 -4.33 2.30
CA THR A 1 -6.63 -3.14 1.83
C THR A 1 -6.11 -2.31 3.00
N GLY A 2 -5.79 -2.99 4.10
CA GLY A 2 -5.27 -2.30 5.27
C GLY A 2 -3.76 -2.25 5.29
N LYS A 3 -3.13 -3.43 5.31
CA LYS A 3 -1.67 -3.51 5.33
C LYS A 3 -1.10 -3.30 3.94
N ALA A 4 -1.92 -3.50 2.92
CA ALA A 4 -1.49 -3.33 1.54
C ALA A 4 -1.66 -1.88 1.09
N SER A 5 -1.67 -0.96 2.05
CA SER A 5 -1.82 0.46 1.74
C SER A 5 -0.48 1.11 1.40
N GLN A 6 0.56 0.71 2.13
CA GLN A 6 1.89 1.25 1.90
C GLN A 6 2.42 0.83 0.54
N PHE A 7 1.92 -0.29 0.03
CA PHE A 7 2.34 -0.80 -1.27
C PHE A 7 1.93 0.15 -2.38
N PHE A 8 0.80 0.82 -2.19
CA PHE A 8 0.30 1.76 -3.19
C PHE A 8 1.20 2.98 -3.30
N GLY A 9 1.88 3.30 -2.20
CA GLY A 9 2.78 4.45 -2.19
C GLY A 9 4.07 4.18 -2.92
N LEU A 10 4.44 2.90 -3.03
CA LEU A 10 5.67 2.51 -3.70
C LEU A 10 5.55 2.75 -5.21
N MET A 11 4.36 2.52 -5.75
CA MET A 11 4.13 2.70 -7.18
C MET A 11 3.93 4.19 -7.50
N THR A 1 -7.80 -4.94 3.39
CA THR A 1 -6.91 -4.23 2.49
C THR A 1 -6.32 -3.00 3.15
N GLY A 2 -5.92 -3.14 4.41
CA GLY A 2 -5.34 -2.04 5.14
C GLY A 2 -3.82 -2.08 5.15
N LYS A 3 -3.27 -3.28 5.14
CA LYS A 3 -1.81 -3.46 5.14
C LYS A 3 -1.24 -3.22 3.74
N ALA A 4 -2.08 -3.34 2.74
CA ALA A 4 -1.66 -3.14 1.35
C ALA A 4 -1.75 -1.67 0.95
N SER A 5 -1.69 -0.79 1.95
CA SER A 5 -1.77 0.64 1.70
C SER A 5 -0.40 1.22 1.35
N GLN A 6 0.63 0.75 2.06
CA GLN A 6 1.99 1.21 1.84
C GLN A 6 2.48 0.80 0.46
N PHE A 7 1.91 -0.27 -0.07
CA PHE A 7 2.29 -0.77 -1.40
C PHE A 7 1.93 0.24 -2.49
N PHE A 8 0.84 0.96 -2.27
CA PHE A 8 0.39 1.97 -3.22
C PHE A 8 1.37 3.14 -3.30
N GLY A 9 2.06 3.39 -2.20
CA GLY A 9 3.03 4.48 -2.16
C GLY A 9 4.30 4.15 -2.91
N LEU A 10 4.59 2.86 -3.06
CA LEU A 10 5.79 2.42 -3.76
C LEU A 10 5.68 2.71 -5.25
N MET A 11 4.48 2.57 -5.79
CA MET A 11 4.24 2.82 -7.21
C MET A 11 4.13 4.31 -7.49
N THR A 1 -6.64 -5.47 3.49
CA THR A 1 -7.01 -4.30 2.71
C THR A 1 -6.35 -3.04 3.26
N GLY A 2 -6.07 -3.04 4.56
CA GLY A 2 -5.45 -1.89 5.18
C GLY A 2 -3.93 -1.98 5.19
N LYS A 3 -3.41 -3.21 5.07
CA LYS A 3 -1.98 -3.44 5.07
C LYS A 3 -1.40 -3.21 3.67
N ALA A 4 -2.25 -3.27 2.66
CA ALA A 4 -1.82 -3.07 1.28
C ALA A 4 -1.86 -1.60 0.91
N SER A 5 -1.75 -0.73 1.91
CA SER A 5 -1.78 0.71 1.69
C SER A 5 -0.39 1.23 1.34
N GLN A 6 0.62 0.70 2.04
CA GLN A 6 2.00 1.11 1.81
C GLN A 6 2.46 0.73 0.42
N PHE A 7 1.84 -0.30 -0.14
CA PHE A 7 2.19 -0.78 -1.48
C PHE A 7 1.86 0.27 -2.53
N PHE A 8 0.81 1.04 -2.28
CA PHE A 8 0.38 2.08 -3.20
C PHE A 8 1.41 3.21 -3.27
N GLY A 9 2.13 3.40 -2.16
CA GLY A 9 3.13 4.45 -2.11
C GLY A 9 4.39 4.09 -2.88
N LEU A 10 4.61 2.80 -3.06
CA LEU A 10 5.79 2.32 -3.78
C LEU A 10 5.69 2.66 -5.27
N MET A 11 4.47 2.59 -5.81
CA MET A 11 4.23 2.89 -7.22
C MET A 11 4.36 4.38 -7.48
N THR A 1 -6.75 -5.49 3.66
CA THR A 1 -6.79 -4.41 2.69
C THR A 1 -6.09 -3.17 3.22
N GLY A 2 -6.11 -3.00 4.53
CA GLY A 2 -5.45 -1.85 5.14
C GLY A 2 -3.94 -1.97 5.13
N LYS A 3 -3.45 -3.20 5.03
CA LYS A 3 -2.01 -3.45 5.02
C LYS A 3 -1.44 -3.20 3.63
N ALA A 4 -2.30 -3.24 2.61
CA ALA A 4 -1.87 -3.02 1.24
C ALA A 4 -1.90 -1.53 0.89
N SER A 5 -1.77 -0.69 1.91
CA SER A 5 -1.79 0.75 1.71
C SER A 5 -0.38 1.27 1.37
N GLN A 6 0.62 0.71 2.05
CA GLN A 6 2.00 1.12 1.82
C GLN A 6 2.46 0.73 0.42
N PHE A 7 1.83 -0.31 -0.13
CA PHE A 7 2.18 -0.78 -1.47
C PHE A 7 1.86 0.27 -2.53
N PHE A 8 0.80 1.05 -2.28
CA PHE A 8 0.39 2.10 -3.20
C PHE A 8 1.43 3.22 -3.26
N GLY A 9 2.15 3.40 -2.16
CA GLY A 9 3.17 4.43 -2.10
C GLY A 9 4.41 4.06 -2.87
N LEU A 10 4.64 2.77 -3.06
CA LEU A 10 5.81 2.29 -3.78
C LEU A 10 5.70 2.63 -5.27
N MET A 11 4.49 2.56 -5.80
CA MET A 11 4.25 2.86 -7.20
C MET A 11 4.14 4.37 -7.43
N THR A 1 -7.70 -4.95 3.35
CA THR A 1 -6.85 -4.22 2.41
C THR A 1 -6.22 -3.00 3.06
N GLY A 2 -5.93 -3.11 4.35
CA GLY A 2 -5.33 -2.00 5.08
C GLY A 2 -3.81 -2.05 5.06
N LYS A 3 -3.27 -3.26 5.17
CA LYS A 3 -1.82 -3.45 5.17
C LYS A 3 -1.25 -3.22 3.78
N ALA A 4 -2.09 -3.33 2.77
CA ALA A 4 -1.68 -3.14 1.38
C ALA A 4 -1.77 -1.67 0.99
N SER A 5 -1.69 -0.79 1.98
CA SER A 5 -1.76 0.65 1.73
C SER A 5 -0.39 1.21 1.39
N GLN A 6 0.64 0.73 2.08
CA GLN A 6 2.00 1.18 1.85
C GLN A 6 2.48 0.78 0.46
N PHE A 7 1.90 -0.29 -0.08
CA PHE A 7 2.28 -0.78 -1.40
C PHE A 7 1.91 0.24 -2.48
N PHE A 8 0.82 0.97 -2.25
CA PHE A 8 0.36 1.98 -3.20
C PHE A 8 1.35 3.14 -3.28
N GLY A 9 2.06 3.38 -2.18
CA GLY A 9 3.03 4.47 -2.15
C GLY A 9 4.30 4.13 -2.91
N LEU A 10 4.58 2.84 -3.06
CA LEU A 10 5.77 2.40 -3.78
C LEU A 10 5.65 2.70 -5.27
N MET A 11 4.44 2.57 -5.80
CA MET A 11 4.19 2.82 -7.21
C MET A 11 4.17 4.32 -7.50
N THR A 1 -6.56 -5.02 2.68
CA THR A 1 -6.54 -3.70 2.08
C THR A 1 -5.88 -2.68 2.99
N GLY A 2 -5.99 -2.91 4.30
CA GLY A 2 -5.38 -2.00 5.26
C GLY A 2 -3.86 -2.07 5.25
N LYS A 3 -3.33 -3.29 5.21
CA LYS A 3 -1.88 -3.48 5.20
C LYS A 3 -1.31 -3.25 3.81
N ALA A 4 -2.17 -3.35 2.80
CA ALA A 4 -1.76 -3.15 1.42
C ALA A 4 -1.83 -1.68 1.03
N SER A 5 -1.75 -0.80 2.01
CA SER A 5 -1.81 0.63 1.77
C SER A 5 -0.43 1.19 1.43
N GLN A 6 0.59 0.69 2.12
CA GLN A 6 1.96 1.14 1.88
C GLN A 6 2.42 0.74 0.49
N PHE A 7 1.83 -0.32 -0.05
CA PHE A 7 2.19 -0.81 -1.37
C PHE A 7 1.83 0.20 -2.45
N PHE A 8 0.76 0.95 -2.22
CA PHE A 8 0.30 1.96 -3.16
C PHE A 8 1.30 3.11 -3.24
N GLY A 9 2.02 3.34 -2.15
CA GLY A 9 2.99 4.42 -2.12
C GLY A 9 4.26 4.08 -2.88
N LEU A 10 4.52 2.79 -3.04
CA LEU A 10 5.70 2.33 -3.76
C LEU A 10 5.58 2.63 -5.25
N MET A 11 4.37 2.52 -5.77
CA MET A 11 4.12 2.78 -7.19
C MET A 11 4.00 4.28 -7.45
N THR A 1 -7.44 -4.26 2.17
CA THR A 1 -6.85 -2.98 1.81
C THR A 1 -6.34 -2.24 3.05
N GLY A 2 -5.73 -2.98 3.96
CA GLY A 2 -5.20 -2.39 5.18
C GLY A 2 -3.69 -2.31 5.18
N LYS A 3 -3.05 -3.45 5.35
CA LYS A 3 -1.59 -3.52 5.38
C LYS A 3 -1.01 -3.31 3.98
N ALA A 4 -1.84 -3.52 2.96
CA ALA A 4 -1.42 -3.34 1.58
C ALA A 4 -1.61 -1.90 1.12
N SER A 5 -1.62 -0.98 2.07
CA SER A 5 -1.82 0.44 1.78
C SER A 5 -0.48 1.10 1.42
N GLN A 6 0.56 0.73 2.15
CA GLN A 6 1.89 1.28 1.91
C GLN A 6 2.43 0.86 0.55
N PHE A 7 1.94 -0.28 0.06
CA PHE A 7 2.37 -0.80 -1.23
C PHE A 7 1.95 0.13 -2.37
N PHE A 8 0.81 0.79 -2.18
CA PHE A 8 0.29 1.71 -3.18
C PHE A 8 1.18 2.94 -3.30
N GLY A 9 1.85 3.30 -2.20
CA GLY A 9 2.72 4.45 -2.21
C GLY A 9 4.02 4.19 -2.94
N LEU A 10 4.41 2.92 -3.02
CA LEU A 10 5.64 2.54 -3.70
C LEU A 10 5.53 2.76 -5.21
N MET A 11 4.35 2.51 -5.75
CA MET A 11 4.11 2.69 -7.18
C MET A 11 3.91 4.16 -7.53
N THR A 1 -7.28 -4.44 2.31
CA THR A 1 -6.82 -3.14 1.85
C THR A 1 -6.27 -2.31 3.01
N GLY A 2 -5.77 -2.99 4.04
CA GLY A 2 -5.22 -2.31 5.19
C GLY A 2 -3.72 -2.27 5.18
N LYS A 3 -3.09 -3.43 5.35
CA LYS A 3 -1.63 -3.52 5.35
C LYS A 3 -1.06 -3.29 3.95
N ALA A 4 -1.90 -3.48 2.95
CA ALA A 4 -1.49 -3.30 1.55
C ALA A 4 -1.67 -1.85 1.12
N SER A 5 -1.65 -0.94 2.08
CA SER A 5 -1.81 0.48 1.79
C SER A 5 -0.47 1.12 1.44
N GLN A 6 0.58 0.72 2.15
CA GLN A 6 1.92 1.26 1.91
C GLN A 6 2.42 0.83 0.54
N PHE A 7 1.92 -0.29 0.04
CA PHE A 7 2.33 -0.80 -1.27
C PHE A 7 1.91 0.15 -2.38
N PHE A 8 0.78 0.83 -2.18
CA PHE A 8 0.28 1.77 -3.18
C PHE A 8 1.19 2.99 -3.29
N GLY A 9 1.87 3.31 -2.20
CA GLY A 9 2.78 4.45 -2.19
C GLY A 9 4.06 4.17 -2.94
N LEU A 10 4.42 2.89 -3.05
CA LEU A 10 5.64 2.50 -3.73
C LEU A 10 5.52 2.74 -5.23
N MET A 11 4.32 2.51 -5.77
CA MET A 11 4.07 2.71 -7.19
C MET A 11 4.16 4.19 -7.56
N THR A 1 -6.25 -4.31 1.78
CA THR A 1 -6.64 -2.91 1.76
C THR A 1 -6.07 -2.16 2.96
N GLY A 2 -5.84 -2.89 4.05
CA GLY A 2 -5.29 -2.27 5.24
C GLY A 2 -3.78 -2.24 5.24
N LYS A 3 -3.16 -3.42 5.35
CA LYS A 3 -1.70 -3.53 5.36
C LYS A 3 -1.13 -3.31 3.96
N ALA A 4 -1.98 -3.49 2.96
CA ALA A 4 -1.56 -3.31 1.57
C ALA A 4 -1.72 -1.85 1.14
N SER A 5 -1.70 -0.94 2.10
CA SER A 5 -1.84 0.48 1.81
C SER A 5 -0.50 1.10 1.45
N GLN A 6 0.55 0.69 2.17
CA GLN A 6 1.89 1.21 1.92
C GLN A 6 2.39 0.79 0.55
N PHE A 7 1.88 -0.32 0.05
CA PHE A 7 2.28 -0.84 -1.25
C PHE A 7 1.87 0.13 -2.37
N PHE A 8 0.75 0.82 -2.17
CA PHE A 8 0.24 1.77 -3.15
C PHE A 8 1.17 2.97 -3.26
N GLY A 9 1.86 3.29 -2.16
CA GLY A 9 2.77 4.42 -2.16
C GLY A 9 4.06 4.12 -2.91
N LEU A 10 4.40 2.85 -3.02
CA LEU A 10 5.62 2.44 -3.71
C LEU A 10 5.50 2.69 -5.21
N MET A 11 4.30 2.48 -5.75
CA MET A 11 4.05 2.68 -7.17
C MET A 11 3.79 4.15 -7.47
#